data_7XQV
#
_entry.id   7XQV
#
_cell.length_a   142.030
_cell.length_b   142.030
_cell.length_c   69.260
_cell.angle_alpha   90.000
_cell.angle_beta   90.000
_cell.angle_gamma   90.000
#
_symmetry.space_group_name_H-M   'I 41 2 2'
#
loop_
_entity.id
_entity.type
_entity.pdbx_description
1 polymer RhoA
2 polymer Rh57
3 non-polymer ALANINE
4 non-polymer 'PHOSPHOAMINOPHOSPHONIC ACID-GUANYLATE ESTER'
5 non-polymer 'MAGNESIUM ION'
6 water water
#
loop_
_entity_poly.entity_id
_entity_poly.type
_entity_poly.pdbx_seq_one_letter_code
_entity_poly.pdbx_strand_id
1 'polypeptide(L)'
;SMAAIRKKLVIVGDGACGKTCLLIVFSKDQFPEVYVPTVFENYVADIEVDGKQVELALWDTAGLEDYDRLRPLSYPDTDV
ILMCFSIDSPDSLENIPEKWTPEVKHFCPNVPIILVGNKKDLRNDEHTRRELAKMKQEPVKPEEGRDMANRIGAFGYMEC
SAKTKDGVREVFEMATRAALQAR
;
A
2 'polypeptide(L)'
;MGGWSHPQFEKGGSGENLYFQGGTEVQLQASGGGFVQPGGSLRLSCAASGDTWWSSAMGWFRQAPGKEREFVSAISFYPT
EYTYYADSKGRFTISRDNSKNTVYLQMNSLRAEDTATYYCAWIAWGPWMRTSWYWGQGTQVTVSS
;
B
#
# COMPACT_ATOMS: atom_id res chain seq x y z
N ALA A 4 -21.61 -6.51 -0.84
CA ALA A 4 -21.58 -7.88 -0.34
C ALA A 4 -20.71 -7.99 0.90
N ILE A 5 -19.78 -8.94 0.87
CA ILE A 5 -18.80 -9.10 1.95
C ILE A 5 -17.56 -8.31 1.59
N ARG A 6 -17.10 -7.47 2.51
CA ARG A 6 -15.92 -6.63 2.31
C ARG A 6 -14.90 -6.96 3.40
N LYS A 7 -13.76 -7.51 2.99
CA LYS A 7 -12.69 -7.86 3.91
C LYS A 7 -11.42 -7.09 3.54
N LYS A 8 -10.60 -6.82 4.54
CA LYS A 8 -9.41 -5.99 4.39
C LYS A 8 -8.16 -6.85 4.47
N LEU A 9 -7.31 -6.77 3.45
CA LEU A 9 -6.05 -7.48 3.40
C LEU A 9 -4.91 -6.48 3.47
N VAL A 10 -3.93 -6.76 4.35
CA VAL A 10 -2.75 -5.92 4.49
C VAL A 10 -1.54 -6.80 4.24
N ILE A 11 -0.74 -6.44 3.24
CA ILE A 11 0.46 -7.18 2.90
C ILE A 11 1.66 -6.55 3.63
N VAL A 12 2.51 -7.40 4.19
CA VAL A 12 3.70 -6.96 4.90
C VAL A 12 4.86 -7.90 4.54
N GLY A 13 6.06 -7.42 4.79
CA GLY A 13 7.26 -8.19 4.49
C GLY A 13 8.42 -7.28 4.19
N ASP A 14 9.58 -7.90 4.02
CA ASP A 14 10.81 -7.16 3.78
C ASP A 14 10.75 -6.45 2.43
N GLY A 15 11.66 -5.49 2.25
CA GLY A 15 11.69 -4.72 1.02
C GLY A 15 12.13 -5.58 -0.17
N ALA A 16 11.51 -5.29 -1.32
CA ALA A 16 11.82 -5.98 -2.57
C ALA A 16 11.65 -7.50 -2.44
N CYS A 17 10.54 -7.90 -1.80
CA CYS A 17 10.23 -9.31 -1.64
C CYS A 17 9.07 -9.77 -2.52
N GLY A 18 8.41 -8.86 -3.24
CA GLY A 18 7.34 -9.21 -4.15
C GLY A 18 5.94 -8.83 -3.73
N LYS A 19 5.79 -7.95 -2.74
CA LYS A 19 4.47 -7.59 -2.25
C LYS A 19 3.64 -6.89 -3.31
N THR A 20 4.14 -5.77 -3.82
CA THR A 20 3.38 -4.96 -4.78
C THR A 20 3.08 -5.76 -6.04
N CYS A 21 4.07 -6.50 -6.56
CA CYS A 21 3.85 -7.27 -7.77
C CYS A 21 2.77 -8.33 -7.55
N LEU A 22 2.76 -8.97 -6.39
CA LEU A 22 1.75 -9.97 -6.09
C LEU A 22 0.36 -9.33 -6.10
N LEU A 23 0.23 -8.15 -5.48
CA LEU A 23 -1.07 -7.48 -5.40
C LEU A 23 -1.54 -7.06 -6.79
N ILE A 24 -0.62 -6.68 -7.67
CA ILE A 24 -1.02 -6.11 -8.96
C ILE A 24 -1.34 -7.21 -9.97
N VAL A 25 -0.60 -8.33 -9.94
CA VAL A 25 -0.94 -9.44 -10.82
C VAL A 25 -2.27 -10.06 -10.43
N PHE A 26 -2.71 -9.88 -9.18
CA PHE A 26 -3.99 -10.39 -8.75
C PHE A 26 -5.13 -9.44 -9.11
N SER A 27 -4.91 -8.13 -8.92
CA SER A 27 -5.95 -7.14 -9.18
C SER A 27 -6.00 -6.69 -10.64
N LYS A 28 -4.88 -6.76 -11.35
CA LYS A 28 -4.81 -6.23 -12.72
C LYS A 28 -4.28 -7.21 -13.75
N ASP A 29 -3.73 -8.36 -13.34
CA ASP A 29 -3.04 -9.28 -14.25
C ASP A 29 -1.95 -8.55 -15.01
N GLN A 30 -1.00 -8.01 -14.25
CA GLN A 30 0.05 -7.16 -14.81
C GLN A 30 1.27 -7.27 -13.91
N PHE A 31 2.42 -7.60 -14.48
CA PHE A 31 3.65 -7.65 -13.71
C PHE A 31 4.36 -6.31 -13.83
N PRO A 32 4.44 -5.51 -12.76
CA PRO A 32 5.18 -4.25 -12.85
C PRO A 32 6.66 -4.52 -13.09
N GLU A 33 7.27 -3.67 -13.92
CA GLU A 33 8.66 -3.87 -14.33
C GLU A 33 9.65 -3.07 -13.50
N VAL A 34 9.45 -1.76 -13.39
CA VAL A 34 10.36 -0.91 -12.64
C VAL A 34 10.03 -1.02 -11.16
N TYR A 35 11.03 -1.38 -10.36
CA TYR A 35 10.84 -1.48 -8.91
C TYR A 35 10.79 -0.09 -8.31
N VAL A 36 9.60 0.36 -7.93
CA VAL A 36 9.41 1.60 -7.20
C VAL A 36 9.09 1.25 -5.76
N PRO A 37 9.98 1.51 -4.81
CA PRO A 37 9.69 1.20 -3.41
C PRO A 37 8.40 1.86 -2.95
N THR A 38 7.50 1.03 -2.42
CA THR A 38 6.18 1.50 -2.04
C THR A 38 6.24 2.20 -0.68
N VAL A 39 5.59 3.35 -0.60
CA VAL A 39 5.40 4.04 0.68
C VAL A 39 4.10 3.53 1.30
N PHE A 40 2.97 3.76 0.61
CA PHE A 40 1.70 3.15 0.97
C PHE A 40 0.72 3.34 -0.18
N GLU A 41 -0.07 2.30 -0.45
CA GLU A 41 -0.95 2.24 -1.60
C GLU A 41 -2.15 1.36 -1.29
N ASN A 42 -3.13 1.37 -2.19
CA ASN A 42 -4.34 0.57 -1.99
C ASN A 42 -4.89 0.12 -3.33
N TYR A 43 -5.21 -1.16 -3.43
CA TYR A 43 -5.86 -1.73 -4.60
C TYR A 43 -7.09 -2.52 -4.17
N VAL A 44 -8.06 -2.64 -5.08
CA VAL A 44 -9.31 -3.33 -4.80
C VAL A 44 -9.51 -4.40 -5.86
N ALA A 45 -9.87 -5.61 -5.41
CA ALA A 45 -10.11 -6.73 -6.30
C ALA A 45 -11.27 -7.56 -5.79
N ASP A 46 -12.02 -8.14 -6.73
CA ASP A 46 -13.13 -9.04 -6.41
C ASP A 46 -12.71 -10.48 -6.64
N ILE A 47 -13.22 -11.37 -5.80
CA ILE A 47 -12.83 -12.79 -5.85
C ILE A 47 -14.01 -13.63 -5.40
N GLU A 48 -14.16 -14.80 -6.02
CA GLU A 48 -15.18 -15.77 -5.64
C GLU A 48 -14.46 -17.01 -5.09
N VAL A 49 -14.72 -17.33 -3.82
CA VAL A 49 -14.15 -18.49 -3.16
C VAL A 49 -15.28 -19.23 -2.46
N ASP A 50 -15.27 -20.56 -2.56
CA ASP A 50 -16.26 -21.40 -1.90
C ASP A 50 -17.68 -20.93 -2.19
N GLY A 51 -17.88 -20.41 -3.41
CA GLY A 51 -19.17 -19.95 -3.86
C GLY A 51 -19.55 -18.55 -3.46
N LYS A 52 -18.86 -17.94 -2.49
CA LYS A 52 -19.19 -16.62 -2.00
C LYS A 52 -18.34 -15.56 -2.69
N GLN A 53 -18.94 -14.40 -2.96
CA GLN A 53 -18.27 -13.30 -3.62
C GLN A 53 -17.82 -12.28 -2.58
N VAL A 54 -16.53 -11.99 -2.55
CA VAL A 54 -15.93 -11.12 -1.55
C VAL A 54 -15.10 -10.06 -2.27
N GLU A 55 -15.28 -8.80 -1.86
CA GLU A 55 -14.44 -7.71 -2.36
C GLU A 55 -13.29 -7.51 -1.37
N LEU A 56 -12.07 -7.63 -1.87
CA LEU A 56 -10.87 -7.60 -1.04
C LEU A 56 -10.17 -6.25 -1.20
N ALA A 57 -9.92 -5.58 -0.08
CA ALA A 57 -9.18 -4.32 -0.07
C ALA A 57 -7.71 -4.63 0.17
N LEU A 58 -6.89 -4.44 -0.86
CA LEU A 58 -5.46 -4.76 -0.79
C LEU A 58 -4.71 -3.53 -0.32
N TRP A 59 -4.21 -3.56 0.91
CA TRP A 59 -3.46 -2.45 1.49
C TRP A 59 -1.98 -2.74 1.34
N ASP A 60 -1.32 -2.01 0.43
CA ASP A 60 0.11 -2.16 0.22
C ASP A 60 0.88 -1.37 1.28
N THR A 61 1.88 -2.00 1.86
CA THR A 61 2.71 -1.35 2.87
C THR A 61 4.16 -1.31 2.41
N ALA A 62 4.98 -0.61 3.20
CA ALA A 62 6.40 -0.45 2.92
C ALA A 62 7.20 -1.49 3.68
N GLY A 63 8.09 -2.18 2.97
CA GLY A 63 9.09 -3.00 3.61
C GLY A 63 10.35 -2.26 4.00
N LEU A 64 10.55 -1.05 3.47
CA LEU A 64 11.73 -0.28 3.78
C LEU A 64 11.66 0.30 5.18
N GLU A 65 12.83 0.55 5.77
CA GLU A 65 12.92 0.96 7.16
C GLU A 65 12.67 2.45 7.34
N ASP A 66 12.73 3.23 6.25
CA ASP A 66 12.44 4.66 6.34
C ASP A 66 10.97 4.91 6.65
N TYR A 67 10.08 4.00 6.25
CA TYR A 67 8.66 4.17 6.48
C TYR A 67 8.14 3.20 7.53
N ASP A 68 8.81 3.17 8.69
CA ASP A 68 8.42 2.31 9.79
C ASP A 68 7.45 2.97 10.76
N ARG A 69 7.22 4.27 10.63
CA ARG A 69 6.20 4.96 11.40
C ARG A 69 4.87 5.05 10.66
N LEU A 70 4.87 4.86 9.34
CA LEU A 70 3.67 5.00 8.52
C LEU A 70 2.96 3.66 8.31
N ARG A 71 3.73 2.58 8.14
CA ARG A 71 3.12 1.28 7.88
C ARG A 71 2.18 0.82 9.00
N PRO A 72 2.49 0.99 10.29
CA PRO A 72 1.51 0.60 11.32
C PRO A 72 0.12 1.19 11.11
N LEU A 73 0.03 2.38 10.53
CA LEU A 73 -1.26 3.05 10.35
C LEU A 73 -2.18 2.32 9.37
N SER A 74 -1.68 1.31 8.65
CA SER A 74 -2.51 0.51 7.76
C SER A 74 -3.04 -0.76 8.41
N TYR A 75 -2.47 -1.15 9.55
CA TYR A 75 -2.93 -2.36 10.25
C TYR A 75 -4.38 -2.33 10.73
N PRO A 76 -4.89 -1.24 11.31
CA PRO A 76 -6.16 -1.34 12.04
C PRO A 76 -7.33 -1.82 11.19
N ASP A 77 -8.22 -2.59 11.84
CA ASP A 77 -9.41 -3.17 11.21
C ASP A 77 -9.02 -4.06 10.02
N THR A 78 -7.92 -4.79 10.18
CA THR A 78 -7.48 -5.75 9.18
C THR A 78 -8.19 -7.08 9.41
N ASP A 79 -8.64 -7.70 8.32
CA ASP A 79 -9.29 -8.99 8.40
C ASP A 79 -8.37 -10.17 8.08
N VAL A 80 -7.26 -9.92 7.39
CA VAL A 80 -6.30 -10.97 7.08
C VAL A 80 -4.97 -10.31 6.74
N ILE A 81 -3.87 -10.92 7.21
CA ILE A 81 -2.53 -10.38 7.04
C ILE A 81 -1.75 -11.31 6.11
N LEU A 82 -1.03 -10.73 5.15
CA LEU A 82 -0.20 -11.48 4.21
C LEU A 82 1.27 -11.18 4.54
N MET A 83 1.86 -12.02 5.38
CA MET A 83 3.27 -11.90 5.72
C MET A 83 4.10 -12.56 4.63
N CYS A 84 4.84 -11.75 3.88
CA CYS A 84 5.53 -12.21 2.68
C CYS A 84 7.04 -12.25 2.91
N PHE A 85 7.69 -13.19 2.22
CA PHE A 85 9.14 -13.26 2.17
C PHE A 85 9.55 -13.71 0.78
N SER A 86 10.86 -13.70 0.52
CA SER A 86 11.42 -14.07 -0.76
C SER A 86 12.11 -15.43 -0.64
N ILE A 87 11.76 -16.35 -1.55
CA ILE A 87 12.44 -17.64 -1.60
C ILE A 87 13.90 -17.44 -2.01
N ASP A 88 14.18 -16.40 -2.79
CA ASP A 88 15.57 -16.08 -3.12
C ASP A 88 16.32 -15.62 -1.89
N SER A 89 15.67 -14.84 -1.02
CA SER A 89 16.35 -14.24 0.13
C SER A 89 16.11 -15.08 1.37
N PRO A 90 17.12 -15.81 1.88
CA PRO A 90 16.92 -16.51 3.15
C PRO A 90 16.84 -15.56 4.34
N ASP A 91 17.45 -14.38 4.24
CA ASP A 91 17.41 -13.44 5.35
C ASP A 91 16.04 -12.79 5.49
N SER A 92 15.27 -12.71 4.41
CA SER A 92 13.89 -12.24 4.50
C SER A 92 13.06 -13.21 5.34
N LEU A 93 13.36 -14.50 5.26
CA LEU A 93 12.62 -15.49 6.04
C LEU A 93 12.94 -15.36 7.52
N GLU A 94 14.19 -15.07 7.86
CA GLU A 94 14.56 -14.90 9.26
C GLU A 94 14.08 -13.57 9.83
N ASN A 95 13.83 -12.59 8.98
CA ASN A 95 13.22 -11.35 9.45
C ASN A 95 11.74 -11.52 9.80
N ILE A 96 11.14 -12.63 9.39
CA ILE A 96 9.75 -12.93 9.71
C ILE A 96 9.56 -13.13 11.22
N PRO A 97 10.29 -14.03 11.88
CA PRO A 97 10.13 -14.18 13.33
C PRO A 97 10.85 -13.13 14.15
N GLU A 98 11.64 -12.26 13.51
CA GLU A 98 12.38 -11.24 14.24
C GLU A 98 11.75 -9.86 14.15
N LYS A 99 11.16 -9.50 13.01
CA LYS A 99 10.60 -8.16 12.82
C LYS A 99 9.11 -8.17 12.51
N TRP A 100 8.67 -9.02 11.57
CA TRP A 100 7.31 -8.91 11.06
C TRP A 100 6.29 -9.59 11.96
N THR A 101 6.61 -10.78 12.47
CA THR A 101 5.72 -11.40 13.45
C THR A 101 5.62 -10.61 14.75
N PRO A 102 6.70 -10.07 15.32
CA PRO A 102 6.52 -9.22 16.51
C PRO A 102 5.68 -7.98 16.25
N GLU A 103 5.80 -7.36 15.08
CA GLU A 103 5.05 -6.13 14.81
C GLU A 103 3.57 -6.41 14.64
N VAL A 104 3.23 -7.39 13.79
CA VAL A 104 1.83 -7.70 13.52
C VAL A 104 1.13 -8.17 14.79
N LYS A 105 1.78 -9.04 15.55
CA LYS A 105 1.17 -9.59 16.76
C LYS A 105 1.04 -8.57 17.88
N HIS A 106 1.51 -7.34 17.69
CA HIS A 106 1.32 -6.27 18.66
C HIS A 106 0.15 -5.36 18.26
N PHE A 107 0.12 -4.91 17.01
CA PHE A 107 -0.97 -4.06 16.55
C PHE A 107 -2.22 -4.85 16.20
N CYS A 108 -2.06 -6.07 15.69
CA CYS A 108 -3.16 -6.93 15.28
C CYS A 108 -2.87 -8.33 15.81
N PRO A 109 -3.19 -8.59 17.08
CA PRO A 109 -2.72 -9.84 17.71
C PRO A 109 -3.54 -11.07 17.35
N ASN A 110 -4.78 -10.93 16.91
CA ASN A 110 -5.65 -12.08 16.64
C ASN A 110 -6.09 -12.16 15.18
N VAL A 111 -5.35 -11.54 14.28
CA VAL A 111 -5.69 -11.55 12.86
C VAL A 111 -5.11 -12.81 12.23
N PRO A 112 -5.84 -13.48 11.33
CA PRO A 112 -5.23 -14.61 10.60
C PRO A 112 -4.05 -14.17 9.76
N ILE A 113 -2.98 -14.95 9.84
CA ILE A 113 -1.74 -14.67 9.12
C ILE A 113 -1.49 -15.79 8.11
N ILE A 114 -1.09 -15.42 6.90
CA ILE A 114 -0.69 -16.37 5.89
C ILE A 114 0.73 -16.05 5.45
N LEU A 115 1.64 -16.99 5.66
CA LEU A 115 3.02 -16.84 5.22
C LEU A 115 3.10 -17.16 3.73
N VAL A 116 3.56 -16.19 2.94
CA VAL A 116 3.63 -16.32 1.49
C VAL A 116 5.08 -16.23 1.06
N GLY A 117 5.58 -17.32 0.46
CA GLY A 117 6.89 -17.30 -0.14
C GLY A 117 6.83 -16.86 -1.59
N ASN A 118 7.22 -15.61 -1.85
CA ASN A 118 7.15 -15.04 -3.18
C ASN A 118 8.37 -15.43 -4.00
N LYS A 119 8.26 -15.26 -5.31
CA LYS A 119 9.33 -15.53 -6.28
C LYS A 119 9.82 -16.97 -6.14
N LYS A 120 8.92 -17.90 -6.45
CA LYS A 120 9.28 -19.31 -6.52
C LYS A 120 9.83 -19.70 -7.89
N ASP A 121 9.70 -18.83 -8.89
CA ASP A 121 10.35 -19.06 -10.18
C ASP A 121 11.87 -18.96 -10.08
N LEU A 122 12.40 -18.41 -8.99
CA LEU A 122 13.84 -18.30 -8.78
C LEU A 122 14.45 -19.53 -8.14
N ARG A 123 13.78 -20.68 -8.22
CA ARG A 123 14.29 -21.90 -7.64
C ARG A 123 14.60 -22.93 -8.73
N PRO A 139 18.74 -20.88 -1.81
CA PRO A 139 17.29 -20.66 -1.83
C PRO A 139 16.57 -21.27 -0.64
N VAL A 140 15.35 -20.81 -0.35
CA VAL A 140 14.56 -21.36 0.74
C VAL A 140 13.83 -22.61 0.27
N LYS A 141 14.03 -23.71 0.99
CA LYS A 141 13.37 -24.97 0.72
C LYS A 141 11.94 -24.92 1.25
N PRO A 142 10.97 -25.52 0.52
CA PRO A 142 9.56 -25.35 0.92
C PRO A 142 9.25 -25.75 2.35
N GLU A 143 9.92 -26.77 2.90
CA GLU A 143 9.63 -27.17 4.27
C GLU A 143 10.11 -26.12 5.27
N GLU A 144 11.23 -25.47 4.99
CA GLU A 144 11.71 -24.39 5.85
C GLU A 144 10.66 -23.30 6.01
N GLY A 145 9.99 -22.95 4.91
CA GLY A 145 8.89 -21.99 5.01
C GLY A 145 7.69 -22.55 5.75
N ARG A 146 7.41 -23.84 5.55
CA ARG A 146 6.31 -24.48 6.26
C ARG A 146 6.60 -24.54 7.76
N ASP A 147 7.84 -24.85 8.13
CA ASP A 147 8.22 -24.85 9.54
C ASP A 147 8.07 -23.45 10.15
N MET A 148 8.39 -22.42 9.37
CA MET A 148 8.23 -21.06 9.86
C MET A 148 6.77 -20.73 10.11
N ALA A 149 5.88 -21.20 9.23
CA ALA A 149 4.45 -20.95 9.42
C ALA A 149 3.94 -21.61 10.69
N ASN A 150 4.43 -22.82 11.00
CA ASN A 150 4.02 -23.48 12.23
C ASN A 150 4.62 -22.81 13.46
N ARG A 151 5.78 -22.17 13.31
CA ARG A 151 6.42 -21.50 14.43
C ARG A 151 5.75 -20.16 14.75
N ILE A 152 5.30 -19.44 13.74
CA ILE A 152 4.66 -18.14 13.97
C ILE A 152 3.16 -18.28 14.25
N GLY A 153 2.55 -19.41 13.92
CA GLY A 153 1.13 -19.60 14.14
C GLY A 153 0.29 -18.99 13.03
N ALA A 154 0.44 -19.51 11.82
CA ALA A 154 -0.22 -18.97 10.64
C ALA A 154 -1.38 -19.86 10.21
N PHE A 155 -2.37 -19.25 9.57
CA PHE A 155 -3.47 -20.02 8.98
C PHE A 155 -2.97 -21.03 7.98
N GLY A 156 -1.85 -20.74 7.32
CA GLY A 156 -1.26 -21.67 6.38
C GLY A 156 -0.07 -21.06 5.70
N TYR A 157 0.59 -21.88 4.88
CA TYR A 157 1.78 -21.48 4.14
C TYR A 157 1.52 -21.66 2.65
N MET A 158 1.84 -20.63 1.87
CA MET A 158 1.65 -20.68 0.43
C MET A 158 2.91 -20.18 -0.27
N GLU A 159 3.06 -20.61 -1.53
CA GLU A 159 4.16 -20.21 -2.38
C GLU A 159 3.61 -19.76 -3.72
N CYS A 160 4.23 -18.74 -4.30
CA CYS A 160 3.71 -18.16 -5.54
C CYS A 160 4.84 -17.48 -6.29
N SER A 161 4.54 -17.09 -7.52
CA SER A 161 5.47 -16.34 -8.35
C SER A 161 4.63 -15.41 -9.22
N ALA A 162 4.74 -14.09 -8.99
CA ALA A 162 3.95 -13.14 -9.75
C ALA A 162 4.33 -13.11 -11.21
N LYS A 163 5.60 -13.41 -11.53
CA LYS A 163 6.03 -13.43 -12.92
C LYS A 163 5.32 -14.51 -13.70
N THR A 164 5.33 -15.74 -13.17
CA THR A 164 4.66 -16.86 -13.82
C THR A 164 3.17 -16.90 -13.55
N LYS A 165 2.66 -16.01 -12.68
CA LYS A 165 1.25 -15.96 -12.30
C LYS A 165 0.77 -17.30 -11.75
N ASP A 166 1.64 -18.02 -11.05
CA ASP A 166 1.35 -19.33 -10.50
C ASP A 166 1.30 -19.25 -8.98
N GLY A 167 0.22 -19.78 -8.40
CA GLY A 167 0.01 -19.71 -6.97
C GLY A 167 -0.66 -18.45 -6.48
N VAL A 168 -0.81 -17.43 -7.35
CA VAL A 168 -1.39 -16.16 -6.93
C VAL A 168 -2.84 -16.35 -6.49
N ARG A 169 -3.64 -17.00 -7.33
CA ARG A 169 -5.06 -17.19 -7.02
C ARG A 169 -5.23 -17.98 -5.73
N GLU A 170 -4.43 -19.04 -5.54
CA GLU A 170 -4.56 -19.85 -4.34
C GLU A 170 -4.14 -19.10 -3.10
N VAL A 171 -3.20 -18.16 -3.22
CA VAL A 171 -2.79 -17.35 -2.08
C VAL A 171 -3.95 -16.50 -1.57
N PHE A 172 -4.63 -15.82 -2.49
CA PHE A 172 -5.75 -14.96 -2.11
C PHE A 172 -7.02 -15.74 -1.85
N GLU A 173 -7.12 -16.97 -2.35
CA GLU A 173 -8.25 -17.80 -1.98
C GLU A 173 -8.13 -18.25 -0.53
N MET A 174 -6.91 -18.55 -0.09
CA MET A 174 -6.67 -18.88 1.31
C MET A 174 -6.88 -17.65 2.19
N ALA A 175 -6.52 -16.46 1.70
CA ALA A 175 -6.70 -15.24 2.48
C ALA A 175 -8.19 -14.95 2.68
N THR A 176 -8.99 -15.11 1.63
CA THR A 176 -10.43 -14.88 1.77
C THR A 176 -11.04 -15.92 2.70
N ARG A 177 -10.57 -17.17 2.62
CA ARG A 177 -11.07 -18.20 3.51
C ARG A 177 -10.79 -17.84 4.97
N ALA A 178 -9.56 -17.44 5.28
CA ALA A 178 -9.21 -17.11 6.65
C ALA A 178 -9.96 -15.88 7.14
N ALA A 179 -10.21 -14.91 6.25
CA ALA A 179 -10.92 -13.70 6.63
C ALA A 179 -12.42 -13.93 6.78
N LEU A 180 -12.98 -14.83 5.98
CA LEU A 180 -14.40 -15.18 6.12
C LEU A 180 -14.70 -15.93 7.41
N GLN A 181 -13.70 -16.11 8.27
CA GLN A 181 -13.87 -16.76 9.55
C GLN A 181 -13.54 -15.78 10.67
N ALA B 30 -9.97 17.64 -4.50
CA ALA B 30 -8.65 18.08 -4.96
C ALA B 30 -8.77 19.29 -5.87
N SER B 31 -8.14 20.39 -5.47
CA SER B 31 -8.21 21.64 -6.20
C SER B 31 -6.81 22.22 -6.37
N GLY B 32 -6.69 23.21 -7.24
CA GLY B 32 -5.44 23.92 -7.46
C GLY B 32 -4.76 23.65 -8.78
N GLY B 33 -5.31 22.79 -9.62
CA GLY B 33 -4.66 22.47 -10.88
C GLY B 33 -4.92 23.52 -11.95
N GLY B 34 -3.89 23.78 -12.76
CA GLY B 34 -4.00 24.75 -13.83
C GLY B 34 -2.93 24.51 -14.87
N PHE B 35 -2.90 25.39 -15.86
CA PHE B 35 -1.92 25.31 -16.94
C PHE B 35 -0.69 26.13 -16.55
N VAL B 36 0.46 25.47 -16.49
CA VAL B 36 1.71 26.12 -16.13
C VAL B 36 2.72 25.94 -17.26
N GLN B 37 3.67 26.85 -17.29
CA GLN B 37 4.80 26.78 -18.20
C GLN B 37 5.94 26.00 -17.56
N PRO B 38 6.86 25.46 -18.37
CA PRO B 38 8.01 24.75 -17.79
C PRO B 38 8.77 25.64 -16.82
N GLY B 39 9.06 25.08 -15.63
CA GLY B 39 9.66 25.84 -14.56
C GLY B 39 8.69 26.58 -13.67
N GLY B 40 7.40 26.58 -14.01
CA GLY B 40 6.41 27.27 -13.21
C GLY B 40 6.09 26.53 -11.92
N SER B 41 5.30 27.21 -11.10
CA SER B 41 4.90 26.70 -9.79
C SER B 41 3.39 26.53 -9.73
N LEU B 42 2.96 25.71 -8.76
CA LEU B 42 1.54 25.41 -8.58
C LEU B 42 1.34 24.78 -7.23
N ARG B 43 0.33 25.24 -6.49
CA ARG B 43 -0.02 24.70 -5.19
C ARG B 43 -1.39 24.04 -5.28
N LEU B 44 -1.44 22.75 -4.94
CA LEU B 44 -2.69 22.03 -4.85
C LEU B 44 -3.18 22.00 -3.40
N SER B 45 -4.49 21.90 -3.23
CA SER B 45 -5.11 21.90 -1.91
C SER B 45 -6.00 20.68 -1.75
N CYS B 46 -6.20 20.27 -0.51
CA CYS B 46 -7.02 19.11 -0.21
C CYS B 46 -7.46 19.16 1.25
N ALA B 47 -8.68 18.70 1.51
CA ALA B 47 -9.18 18.66 2.88
C ALA B 47 -8.41 17.63 3.70
N ALA B 48 -7.99 18.03 4.90
CA ALA B 48 -7.22 17.13 5.75
C ALA B 48 -8.07 15.98 6.28
N SER B 49 -9.37 16.21 6.45
CA SER B 49 -10.28 15.18 6.96
C SER B 49 -11.71 15.54 6.59
N GLY B 50 -12.53 14.51 6.45
CA GLY B 50 -13.94 14.70 6.15
C GLY B 50 -14.73 15.09 7.38
N ASP B 51 -16.05 15.00 7.25
CA ASP B 51 -16.95 15.33 8.35
C ASP B 51 -17.32 14.09 9.16
N THR B 52 -17.71 13.01 8.49
CA THR B 52 -18.05 11.76 9.17
C THR B 52 -16.83 10.95 9.55
N TRP B 53 -15.62 11.49 9.37
CA TRP B 53 -14.41 10.73 9.62
C TRP B 53 -13.25 11.70 9.84
N TRP B 54 -12.17 11.16 10.39
CA TRP B 54 -10.90 11.86 10.51
C TRP B 54 -9.83 11.05 9.80
N SER B 55 -8.66 11.68 9.64
CA SER B 55 -7.55 11.07 8.91
C SER B 55 -6.38 10.85 9.84
N SER B 56 -5.90 9.61 9.93
CA SER B 56 -4.64 9.33 10.61
C SER B 56 -3.44 9.59 9.71
N ALA B 57 -3.63 9.53 8.40
CA ALA B 57 -2.58 9.86 7.43
C ALA B 57 -3.26 10.21 6.11
N MET B 58 -2.50 10.84 5.22
CA MET B 58 -3.04 11.26 3.95
C MET B 58 -1.89 11.48 2.97
N GLY B 59 -2.11 11.14 1.70
CA GLY B 59 -1.06 11.24 0.70
C GLY B 59 -1.57 11.84 -0.60
N TRP B 60 -0.62 12.19 -1.46
CA TRP B 60 -0.88 12.73 -2.78
C TRP B 60 -0.43 11.71 -3.83
N PHE B 61 -1.30 11.43 -4.80
CA PHE B 61 -0.98 10.55 -5.90
C PHE B 61 -1.26 11.26 -7.22
N ARG B 62 -0.69 10.74 -8.31
CA ARG B 62 -0.88 11.33 -9.62
C ARG B 62 -0.92 10.22 -10.67
N GLN B 63 -1.66 10.49 -11.75
CA GLN B 63 -1.85 9.53 -12.83
C GLN B 63 -1.56 10.22 -14.16
N ALA B 64 -0.39 9.92 -14.73
CA ALA B 64 -0.03 10.43 -16.03
C ALA B 64 -0.91 9.80 -17.11
N PRO B 65 -0.96 10.39 -18.32
CA PRO B 65 -1.74 9.76 -19.39
C PRO B 65 -1.00 8.54 -19.95
N GLY B 66 -1.64 7.38 -19.86
CA GLY B 66 -1.04 6.12 -20.27
C GLY B 66 -0.26 5.43 -19.16
N LYS B 67 0.45 6.20 -18.35
CA LYS B 67 1.20 5.65 -17.23
C LYS B 67 0.27 5.27 -16.08
N GLU B 68 0.82 4.56 -15.11
CA GLU B 68 0.05 4.09 -13.96
C GLU B 68 0.15 5.11 -12.83
N ARG B 69 -0.57 4.83 -11.74
CA ARG B 69 -0.64 5.76 -10.62
C ARG B 69 0.72 5.84 -9.92
N GLU B 70 1.15 7.07 -9.63
CA GLU B 70 2.44 7.32 -9.01
C GLU B 70 2.23 7.96 -7.64
N PHE B 71 3.02 7.52 -6.66
CA PHE B 71 3.03 8.16 -5.35
C PHE B 71 3.83 9.46 -5.44
N VAL B 72 3.22 10.57 -5.01
CA VAL B 72 3.86 11.87 -5.08
C VAL B 72 4.43 12.23 -3.71
N SER B 73 3.55 12.29 -2.70
CA SER B 73 3.97 12.68 -1.37
C SER B 73 2.90 12.22 -0.38
N ALA B 74 3.23 12.35 0.92
CA ALA B 74 2.33 11.93 1.97
C ALA B 74 2.80 12.52 3.30
N ILE B 75 1.84 12.74 4.20
CA ILE B 75 2.12 13.12 5.57
C ILE B 75 1.37 12.20 6.52
N SER B 76 1.88 12.11 7.74
CA SER B 76 1.24 11.34 8.80
C SER B 76 0.72 12.30 9.87
N PHE B 77 -0.32 11.86 10.57
CA PHE B 77 -0.94 12.67 11.61
C PHE B 77 -0.81 12.07 12.99
N TYR B 78 -1.06 10.75 13.14
CA TYR B 78 -1.26 10.20 14.47
C TYR B 78 0.02 10.16 15.29
N PRO B 79 1.12 9.51 14.86
CA PRO B 79 2.32 9.49 15.70
C PRO B 79 2.87 10.89 15.87
N THR B 80 3.30 11.49 14.77
CA THR B 80 3.73 12.88 14.73
C THR B 80 3.63 13.33 13.28
N GLU B 81 3.56 14.64 13.07
CA GLU B 81 3.55 15.18 11.73
C GLU B 81 4.86 14.84 11.02
N TYR B 82 4.84 13.78 10.21
CA TYR B 82 5.99 13.34 9.45
C TYR B 82 5.67 13.39 7.95
N THR B 83 6.60 13.89 7.16
CA THR B 83 6.42 13.98 5.72
C THR B 83 7.20 12.89 5.02
N TYR B 84 6.70 12.48 3.84
CA TYR B 84 7.32 11.45 3.03
C TYR B 84 7.22 11.84 1.57
N TYR B 85 8.35 11.95 0.90
CA TYR B 85 8.41 12.28 -0.53
C TYR B 85 9.00 11.11 -1.29
N ALA B 86 9.04 11.25 -2.62
CA ALA B 86 9.50 10.19 -3.49
C ALA B 86 10.70 10.58 -4.35
N ASP B 87 11.19 11.81 -4.25
CA ASP B 87 12.28 12.26 -5.10
C ASP B 87 13.44 12.81 -4.30
N SER B 88 13.16 13.33 -3.10
CA SER B 88 14.16 13.99 -2.24
C SER B 88 14.86 15.14 -2.96
N LYS B 89 14.21 15.72 -3.97
CA LYS B 89 14.76 16.82 -4.74
C LYS B 89 14.24 18.17 -4.29
N GLY B 90 13.35 18.21 -3.31
CA GLY B 90 12.85 19.46 -2.79
C GLY B 90 11.90 20.21 -3.69
N ARG B 91 11.45 19.61 -4.79
CA ARG B 91 10.52 20.28 -5.68
C ARG B 91 9.12 20.33 -5.09
N PHE B 92 8.66 19.22 -4.52
CA PHE B 92 7.34 19.14 -3.92
C PHE B 92 7.45 19.36 -2.42
N THR B 93 6.51 20.15 -1.88
CA THR B 93 6.44 20.42 -0.45
C THR B 93 5.01 20.26 0.01
N ILE B 94 4.81 19.43 1.03
CA ILE B 94 3.48 19.11 1.54
C ILE B 94 3.38 19.61 2.98
N SER B 95 2.25 20.24 3.30
CA SER B 95 2.07 20.85 4.60
C SER B 95 0.59 20.84 4.96
N ARG B 96 0.29 21.14 6.21
CA ARG B 96 -1.08 21.22 6.69
C ARG B 96 -1.29 22.53 7.42
N ASP B 97 -2.28 23.30 6.95
CA ASP B 97 -2.73 24.50 7.65
C ASP B 97 -3.83 24.06 8.60
N ASN B 98 -3.53 24.00 9.90
CA ASN B 98 -4.50 23.51 10.87
C ASN B 98 -5.69 24.44 11.03
N SER B 99 -5.55 25.72 10.69
CA SER B 99 -6.65 26.66 10.81
C SER B 99 -7.79 26.30 9.87
N LYS B 100 -7.47 26.03 8.61
CA LYS B 100 -8.49 25.74 7.61
C LYS B 100 -8.74 24.26 7.42
N ASN B 101 -8.03 23.40 8.14
CA ASN B 101 -8.11 21.95 7.97
C ASN B 101 -7.91 21.59 6.49
N THR B 102 -6.69 21.86 6.04
CA THR B 102 -6.36 21.77 4.62
C THR B 102 -4.90 21.39 4.46
N VAL B 103 -4.63 20.42 3.59
CA VAL B 103 -3.28 20.02 3.25
C VAL B 103 -2.93 20.65 1.91
N TYR B 104 -1.75 21.23 1.81
CA TYR B 104 -1.26 21.84 0.59
C TYR B 104 -0.09 21.05 0.03
N LEU B 105 -0.01 21.00 -1.29
CA LEU B 105 1.12 20.38 -1.99
C LEU B 105 1.70 21.43 -2.93
N GLN B 106 2.73 22.13 -2.46
CA GLN B 106 3.42 23.12 -3.28
C GLN B 106 4.36 22.41 -4.24
N MET B 107 4.25 22.76 -5.53
CA MET B 107 5.07 22.16 -6.57
C MET B 107 5.83 23.27 -7.29
N ASN B 108 7.15 23.21 -7.22
CA ASN B 108 8.02 24.18 -7.89
C ASN B 108 8.80 23.50 -9.01
N SER B 109 9.24 24.31 -9.96
CA SER B 109 10.07 23.86 -11.08
C SER B 109 9.38 22.74 -11.85
N LEU B 110 8.11 22.94 -12.16
CA LEU B 110 7.34 21.92 -12.86
C LEU B 110 7.84 21.76 -14.29
N ARG B 111 7.94 20.50 -14.73
CA ARG B 111 8.33 20.16 -16.08
C ARG B 111 7.19 19.40 -16.75
N ALA B 112 7.33 19.17 -18.06
CA ALA B 112 6.30 18.48 -18.82
C ALA B 112 6.05 17.07 -18.31
N GLU B 113 7.00 16.48 -17.59
CA GLU B 113 6.84 15.14 -17.05
C GLU B 113 5.88 15.10 -15.86
N ASP B 114 5.51 16.25 -15.31
CA ASP B 114 4.58 16.32 -14.19
C ASP B 114 3.13 16.49 -14.64
N THR B 115 2.87 16.54 -15.94
CA THR B 115 1.52 16.63 -16.47
C THR B 115 0.73 15.37 -16.14
N ALA B 116 -0.25 15.49 -15.24
CA ALA B 116 -1.02 14.33 -14.80
C ALA B 116 -2.22 14.83 -14.01
N THR B 117 -3.12 13.89 -13.69
CA THR B 117 -4.22 14.13 -12.77
C THR B 117 -3.76 13.78 -11.36
N TYR B 118 -3.90 14.72 -10.44
CA TYR B 118 -3.37 14.58 -9.09
C TYR B 118 -4.50 14.28 -8.12
N TYR B 119 -4.45 13.09 -7.51
CA TYR B 119 -5.47 12.64 -6.58
C TYR B 119 -5.02 12.82 -5.14
N CYS B 120 -5.97 12.70 -4.23
CA CYS B 120 -5.72 12.68 -2.79
C CYS B 120 -6.19 11.36 -2.21
N ALA B 121 -5.47 10.88 -1.20
CA ALA B 121 -5.81 9.66 -0.51
C ALA B 121 -5.79 9.91 0.99
N TRP B 122 -6.74 9.30 1.70
CA TRP B 122 -6.85 9.42 3.14
C TRP B 122 -6.97 8.04 3.77
N ILE B 123 -6.31 7.85 4.91
CA ILE B 123 -6.59 6.70 5.77
C ILE B 123 -7.69 7.17 6.71
N ALA B 124 -8.92 6.73 6.42
CA ALA B 124 -10.11 7.27 7.05
C ALA B 124 -10.43 6.49 8.31
N TRP B 125 -10.52 7.19 9.44
CA TRP B 125 -10.88 6.61 10.72
C TRP B 125 -12.25 7.13 11.15
N GLY B 126 -12.95 6.34 11.96
CA GLY B 126 -14.27 6.74 12.41
C GLY B 126 -14.75 5.95 13.60
N PRO B 127 -15.57 6.60 14.44
CA PRO B 127 -16.13 5.90 15.61
C PRO B 127 -16.80 4.57 15.29
N TRP B 128 -17.74 4.54 14.35
CA TRP B 128 -18.46 3.32 14.02
C TRP B 128 -18.23 2.93 12.56
N MET B 129 -16.99 3.04 12.11
CA MET B 129 -16.63 2.64 10.76
C MET B 129 -15.25 2.00 10.78
N ARG B 130 -15.06 1.02 9.91
CA ARG B 130 -13.76 0.39 9.77
C ARG B 130 -12.78 1.33 9.10
N THR B 131 -11.51 1.24 9.49
CA THR B 131 -10.46 2.05 8.89
C THR B 131 -10.41 1.80 7.39
N SER B 132 -10.81 2.80 6.60
CA SER B 132 -10.96 2.65 5.16
C SER B 132 -9.97 3.53 4.42
N TRP B 133 -9.81 3.23 3.13
CA TRP B 133 -8.95 3.99 2.24
C TRP B 133 -9.82 4.80 1.29
N TYR B 134 -9.63 6.11 1.28
CA TYR B 134 -10.45 7.03 0.48
C TYR B 134 -9.62 7.61 -0.64
N TRP B 135 -10.23 7.76 -1.81
CA TRP B 135 -9.61 8.41 -2.95
C TRP B 135 -10.34 9.72 -3.24
N GLY B 136 -9.58 10.79 -3.41
CA GLY B 136 -10.15 12.07 -3.75
C GLY B 136 -10.58 12.12 -5.20
N GLN B 137 -11.07 13.30 -5.60
CA GLN B 137 -11.61 13.44 -6.95
C GLN B 137 -10.52 13.68 -7.97
N GLY B 138 -9.56 14.54 -7.67
CA GLY B 138 -8.47 14.76 -8.58
C GLY B 138 -8.59 16.09 -9.31
N THR B 139 -7.44 16.68 -9.61
CA THR B 139 -7.38 17.94 -10.33
C THR B 139 -6.30 17.84 -11.41
N GLN B 140 -6.58 18.44 -12.56
CA GLN B 140 -5.73 18.31 -13.72
C GLN B 140 -4.59 19.33 -13.69
N VAL B 141 -3.37 18.85 -13.91
CA VAL B 141 -2.19 19.70 -14.00
C VAL B 141 -1.58 19.49 -15.38
N THR B 142 -1.34 20.58 -16.10
CA THR B 142 -0.76 20.54 -17.44
C THR B 142 0.40 21.51 -17.51
N VAL B 143 1.59 20.99 -17.82
CA VAL B 143 2.79 21.81 -18.00
C VAL B 143 3.06 21.94 -19.49
N SER B 144 3.34 23.16 -19.94
CA SER B 144 3.53 23.43 -21.36
C SER B 144 4.71 22.65 -21.92
N SER B 145 4.69 22.47 -23.24
CA SER B 145 5.71 21.69 -23.95
C SER B 145 5.80 20.27 -23.41
#